data_1IUB
#
_entry.id   1IUB
#
_cell.length_a   83.909
_cell.length_b   83.909
_cell.length_c   254.131
_cell.angle_alpha   90.00
_cell.angle_beta   90.00
_cell.angle_gamma   120.00
#
_symmetry.space_group_name_H-M   'P 65 2 2'
#
loop_
_entity.id
_entity.type
_entity.pdbx_description
1 polymer 'Fucose-specific lectin'
2 non-polymer beta-L-fucopyranose
3 non-polymer 'SULFATE ION'
4 non-polymer 'CHLORIDE ION'
5 non-polymer 'MERCURY (II) ION'
6 water water
#
_entity_poly.entity_id   1
_entity_poly.type   'polypeptide(L)'
_entity_poly.pdbx_seq_one_letter_code
;PTEFLYTSKIAAISWAATGGRQQRVYFQDLNGKIREAQRGGDNPWTGGSSQNVIGEAKLFSPLAAVTWKSAQGIQIRVYC
VNKDNILSEFVYDGSKWITGQLGSVGVKVGSNSKLAALQWGGSESAPPNIRVYYQKSNGSGSSIHEYVWSGKWTAGASFG
STVPGTGIGATAIGPGRLRIYYQATDNKIREHCWDSNSWYVGGFSASASAGVSIAAISWGSTPNIRVYWQKGREELYEAA
YGGSWNTPGQIKDASRPTPSLPDTFIAANSSGNIDISVFFQASGVSLQQWQWISGKGWSIGAVVPTGTPAGW
;
_entity_poly.pdbx_strand_id   A
#
loop_
_chem_comp.id
_chem_comp.type
_chem_comp.name
_chem_comp.formula
CL non-polymer 'CHLORIDE ION' 'Cl -1'
FUL L-saccharide, beta linking beta-L-fucopyranose 'C6 H12 O5'
HG non-polymer 'MERCURY (II) ION' 'Hg 2'
SO4 non-polymer 'SULFATE ION' 'O4 S -2'
#
# COMPACT_ATOMS: atom_id res chain seq x y z
N PRO A 1 -20.87 -11.29 -10.66
CA PRO A 1 -19.49 -11.56 -10.27
C PRO A 1 -18.49 -10.69 -11.04
N THR A 2 -17.24 -10.67 -10.60
CA THR A 2 -16.21 -9.88 -11.29
C THR A 2 -14.96 -10.73 -11.46
N GLU A 3 -13.91 -10.11 -11.97
CA GLU A 3 -12.63 -10.78 -12.18
C GLU A 3 -11.61 -10.45 -11.10
N PHE A 4 -12.09 -9.83 -10.03
CA PHE A 4 -11.27 -9.45 -8.89
C PHE A 4 -11.01 -10.71 -8.09
N LEU A 5 -9.76 -11.03 -7.88
CA LEU A 5 -9.41 -12.21 -7.13
C LEU A 5 -9.69 -12.00 -5.63
N TYR A 6 -10.45 -12.91 -5.02
CA TYR A 6 -10.79 -12.82 -3.61
C TYR A 6 -9.53 -13.05 -2.77
N THR A 7 -9.28 -12.08 -1.88
CA THR A 7 -8.12 -11.99 -0.99
C THR A 7 -6.87 -11.55 -1.76
N SER A 8 -7.09 -10.83 -2.85
CA SER A 8 -6.04 -10.23 -3.64
C SER A 8 -5.45 -9.12 -2.76
N LYS A 9 -4.16 -8.87 -2.82
CA LYS A 9 -3.61 -7.76 -2.05
C LYS A 9 -3.92 -6.56 -2.92
N ILE A 10 -3.83 -5.36 -2.35
CA ILE A 10 -4.11 -4.13 -3.11
C ILE A 10 -2.99 -3.09 -2.88
N ALA A 11 -2.76 -2.21 -3.85
CA ALA A 11 -1.75 -1.16 -3.71
C ALA A 11 -2.37 0.07 -4.37
N ALA A 12 -2.16 1.23 -3.77
CA ALA A 12 -2.76 2.45 -4.32
C ALA A 12 -1.82 3.66 -4.22
N ILE A 13 -1.90 4.55 -5.21
CA ILE A 13 -1.07 5.77 -5.23
C ILE A 13 -1.91 6.93 -5.74
N SER A 14 -1.41 8.15 -5.52
CA SER A 14 -2.10 9.37 -5.99
C SER A 14 -1.15 10.54 -5.95
N TRP A 15 -1.44 11.55 -6.76
CA TRP A 15 -0.64 12.74 -6.83
C TRP A 15 -1.54 13.87 -7.28
N ALA A 16 -1.19 15.08 -6.85
CA ALA A 16 -1.95 16.26 -7.22
C ALA A 16 -1.61 16.63 -8.67
N ALA A 17 -2.59 17.08 -9.43
CA ALA A 17 -2.34 17.46 -10.81
C ALA A 17 -3.29 18.58 -11.19
N THR A 18 -2.83 19.49 -12.05
CA THR A 18 -3.68 20.61 -12.48
C THR A 18 -4.92 20.03 -13.15
N GLY A 19 -6.08 20.27 -12.54
CA GLY A 19 -7.30 19.75 -13.11
C GLY A 19 -7.89 18.60 -12.31
N GLY A 20 -7.29 18.28 -11.17
CA GLY A 20 -7.83 17.20 -10.35
C GLY A 20 -6.84 16.16 -9.87
N ARG A 21 -7.16 15.59 -8.71
CA ARG A 21 -6.35 14.54 -8.08
C ARG A 21 -6.30 13.30 -8.98
N GLN A 22 -5.11 12.74 -9.16
CA GLN A 22 -4.95 11.56 -9.98
C GLN A 22 -4.72 10.34 -9.08
N GLN A 23 -5.46 9.26 -9.34
CA GLN A 23 -5.29 8.04 -8.56
C GLN A 23 -5.12 6.81 -9.43
N ARG A 24 -4.36 5.85 -8.93
CA ARG A 24 -4.16 4.58 -9.60
C ARG A 24 -4.23 3.50 -8.51
N VAL A 25 -4.93 2.41 -8.83
CA VAL A 25 -5.05 1.30 -7.91
C VAL A 25 -4.63 0.04 -8.67
N TYR A 26 -3.90 -0.84 -7.99
CA TYR A 26 -3.42 -2.09 -8.56
C TYR A 26 -4.00 -3.23 -7.77
N PHE A 27 -4.43 -4.27 -8.47
CA PHE A 27 -5.02 -5.45 -7.84
C PHE A 27 -4.83 -6.65 -8.77
N GLN A 28 -5.04 -7.85 -8.24
CA GLN A 28 -4.89 -9.06 -9.07
C GLN A 28 -6.21 -9.68 -9.56
N ASP A 29 -6.21 -10.20 -10.78
CA ASP A 29 -7.41 -10.83 -11.31
C ASP A 29 -7.37 -12.37 -11.15
N LEU A 30 -8.44 -13.03 -11.57
CA LEU A 30 -8.53 -14.49 -11.45
C LEU A 30 -7.40 -15.25 -12.13
N ASN A 31 -6.78 -14.62 -13.13
CA ASN A 31 -5.67 -15.24 -13.86
C ASN A 31 -4.30 -14.94 -13.32
N GLY A 32 -4.20 -14.19 -12.22
CA GLY A 32 -2.89 -13.89 -11.66
C GLY A 32 -2.25 -12.63 -12.23
N LYS A 33 -2.93 -11.95 -13.14
CA LYS A 33 -2.46 -10.71 -13.77
C LYS A 33 -2.72 -9.50 -12.87
N ILE A 34 -1.78 -8.55 -12.86
CA ILE A 34 -1.92 -7.34 -12.06
C ILE A 34 -2.57 -6.29 -12.95
N ARG A 35 -3.73 -5.76 -12.53
CA ARG A 35 -4.45 -4.76 -13.30
C ARG A 35 -4.37 -3.38 -12.66
N GLU A 36 -4.66 -2.36 -13.46
CA GLU A 36 -4.64 -1.00 -12.98
C GLU A 36 -5.97 -0.33 -13.26
N ALA A 37 -6.47 0.43 -12.29
CA ALA A 37 -7.69 1.21 -12.48
C ALA A 37 -7.21 2.65 -12.23
N GLN A 38 -7.80 3.60 -12.92
CA GLN A 38 -7.40 4.99 -12.80
C GLN A 38 -8.53 5.93 -12.45
N ARG A 39 -8.19 7.03 -11.78
CA ARG A 39 -9.19 8.05 -11.51
C ARG A 39 -8.60 9.46 -11.58
N GLY A 40 -9.32 10.34 -12.28
CA GLY A 40 -8.95 11.74 -12.42
C GLY A 40 -10.04 12.60 -11.80
N GLY A 41 -9.69 13.40 -10.79
CA GLY A 41 -10.69 14.25 -10.17
C GLY A 41 -11.84 13.46 -9.56
N ASP A 42 -13.07 13.91 -9.78
CA ASP A 42 -14.25 13.23 -9.24
C ASP A 42 -14.92 12.33 -10.27
N ASN A 43 -14.40 12.35 -11.49
CA ASN A 43 -14.94 11.51 -12.55
C ASN A 43 -14.96 10.06 -12.12
N PRO A 44 -15.77 9.25 -12.82
CA PRO A 44 -15.86 7.83 -12.48
C PRO A 44 -14.53 7.11 -12.73
N TRP A 45 -14.27 6.07 -11.96
CA TRP A 45 -13.08 5.28 -12.14
C TRP A 45 -13.11 4.61 -13.50
N THR A 46 -11.94 4.47 -14.11
CA THR A 46 -11.80 3.82 -15.40
C THR A 46 -10.79 2.68 -15.26
N GLY A 47 -10.67 1.87 -16.31
CA GLY A 47 -9.73 0.77 -16.29
C GLY A 47 -10.21 -0.45 -15.53
N GLY A 48 -9.26 -1.21 -14.97
CA GLY A 48 -9.59 -2.40 -14.23
C GLY A 48 -9.98 -3.60 -15.08
N SER A 49 -9.91 -3.45 -16.40
CA SER A 49 -10.27 -4.56 -17.29
C SER A 49 -9.06 -5.33 -17.76
N SER A 50 -9.28 -6.40 -18.53
CA SER A 50 -8.18 -7.21 -19.05
C SER A 50 -7.28 -6.40 -19.98
N GLN A 51 -7.73 -5.21 -20.38
CA GLN A 51 -6.94 -4.33 -21.23
C GLN A 51 -6.00 -3.48 -20.38
N ASN A 52 -6.17 -3.55 -19.07
CA ASN A 52 -5.36 -2.75 -18.15
C ASN A 52 -4.39 -3.60 -17.32
N VAL A 53 -3.88 -4.64 -17.96
CA VAL A 53 -2.92 -5.54 -17.34
C VAL A 53 -1.54 -4.91 -17.51
N ILE A 54 -0.79 -4.80 -16.42
CA ILE A 54 0.54 -4.22 -16.49
C ILE A 54 1.57 -5.33 -16.29
N GLY A 55 1.11 -6.49 -15.85
CA GLY A 55 2.03 -7.58 -15.63
C GLY A 55 1.37 -8.74 -14.93
N GLU A 56 2.19 -9.69 -14.47
CA GLU A 56 1.70 -10.88 -13.81
C GLU A 56 2.54 -11.15 -12.56
N ALA A 57 2.03 -11.98 -11.67
CA ALA A 57 2.74 -12.32 -10.44
C ALA A 57 2.10 -13.64 -9.97
N LYS A 58 2.68 -14.29 -8.98
CA LYS A 58 2.11 -15.51 -8.46
C LYS A 58 0.70 -15.17 -7.92
N LEU A 59 -0.17 -16.17 -7.82
CA LEU A 59 -1.50 -15.93 -7.32
C LEU A 59 -1.41 -15.51 -5.85
N PHE A 60 -2.15 -14.46 -5.48
CA PHE A 60 -2.17 -14.00 -4.09
C PHE A 60 -0.88 -13.34 -3.67
N SER A 61 -0.17 -12.84 -4.66
CA SER A 61 1.08 -12.14 -4.47
C SER A 61 0.91 -10.84 -3.69
N PRO A 62 1.87 -10.54 -2.80
CA PRO A 62 1.77 -9.27 -2.05
C PRO A 62 1.99 -8.16 -3.11
N LEU A 63 1.61 -6.92 -2.80
CA LEU A 63 1.74 -5.79 -3.71
C LEU A 63 2.10 -4.52 -2.94
N ALA A 64 2.82 -3.61 -3.60
CA ALA A 64 3.19 -2.31 -3.05
C ALA A 64 3.48 -1.42 -4.27
N ALA A 65 3.32 -0.12 -4.13
CA ALA A 65 3.56 0.80 -5.24
C ALA A 65 3.99 2.16 -4.72
N VAL A 66 4.80 2.85 -5.52
CA VAL A 66 5.26 4.20 -5.21
C VAL A 66 5.27 4.99 -6.50
N THR A 67 5.27 6.31 -6.37
CA THR A 67 5.27 7.17 -7.54
C THR A 67 5.96 8.50 -7.22
N TRP A 68 6.44 9.19 -8.26
CA TRP A 68 7.06 10.51 -8.10
C TRP A 68 7.06 11.11 -9.50
N LYS A 69 7.25 12.42 -9.59
CA LYS A 69 7.28 13.07 -10.90
C LYS A 69 8.73 13.28 -11.31
N SER A 70 9.02 13.11 -12.59
CA SER A 70 10.37 13.27 -13.08
C SER A 70 10.37 14.03 -14.40
N ALA A 71 11.56 14.24 -14.95
CA ALA A 71 11.71 14.94 -16.22
C ALA A 71 11.02 14.15 -17.30
N GLN A 72 11.11 12.82 -17.21
CA GLN A 72 10.49 11.93 -18.19
C GLN A 72 8.97 11.85 -18.08
N GLY A 73 8.42 12.26 -16.93
CA GLY A 73 6.98 12.20 -16.73
C GLY A 73 6.65 11.55 -15.40
N ILE A 74 5.45 10.99 -15.27
CA ILE A 74 5.05 10.32 -14.03
C ILE A 74 5.79 8.98 -13.93
N GLN A 75 6.46 8.75 -12.82
CA GLN A 75 7.18 7.50 -12.61
C GLN A 75 6.39 6.62 -11.63
N ILE A 76 6.16 5.37 -12.00
CA ILE A 76 5.48 4.46 -11.08
C ILE A 76 6.27 3.17 -10.98
N ARG A 77 6.39 2.66 -9.75
CA ARG A 77 7.05 1.39 -9.50
C ARG A 77 6.06 0.48 -8.74
N VAL A 78 5.85 -0.72 -9.25
CA VAL A 78 4.98 -1.69 -8.61
C VAL A 78 5.81 -2.91 -8.21
N TYR A 79 5.66 -3.34 -6.97
CA TYR A 79 6.37 -4.51 -6.50
C TYR A 79 5.42 -5.69 -6.28
N CYS A 80 5.89 -6.89 -6.62
CA CYS A 80 5.12 -8.13 -6.45
C CYS A 80 6.13 -9.29 -6.56
N VAL A 81 5.70 -10.54 -6.35
CA VAL A 81 6.63 -11.66 -6.44
C VAL A 81 6.18 -12.68 -7.46
N ASN A 82 7.13 -13.42 -8.04
CA ASN A 82 6.76 -14.42 -9.03
C ASN A 82 6.52 -15.77 -8.38
N LYS A 83 6.23 -16.78 -9.20
CA LYS A 83 5.93 -18.12 -8.70
C LYS A 83 7.06 -18.78 -7.93
N ASP A 84 8.26 -18.19 -7.99
CA ASP A 84 9.39 -18.75 -7.23
C ASP A 84 9.66 -17.85 -6.03
N ASN A 85 8.72 -16.96 -5.76
CA ASN A 85 8.84 -16.02 -4.64
C ASN A 85 10.00 -15.06 -4.73
N ILE A 86 10.31 -14.64 -5.96
CA ILE A 86 11.38 -13.69 -6.17
C ILE A 86 10.75 -12.32 -6.32
N LEU A 87 11.21 -11.38 -5.49
CA LEU A 87 10.72 -10.01 -5.50
C LEU A 87 11.00 -9.40 -6.86
N SER A 88 9.96 -8.87 -7.49
CA SER A 88 10.10 -8.31 -8.82
C SER A 88 9.49 -6.93 -8.92
N GLU A 89 9.74 -6.24 -10.01
CA GLU A 89 9.26 -4.88 -10.16
C GLU A 89 8.78 -4.47 -11.53
N PHE A 90 7.62 -3.81 -11.58
CA PHE A 90 7.12 -3.30 -12.86
C PHE A 90 7.37 -1.81 -12.82
N VAL A 91 7.78 -1.28 -13.95
CA VAL A 91 8.14 0.12 -14.06
C VAL A 91 7.30 0.88 -15.05
N TYR A 92 6.74 2.01 -14.63
CA TYR A 92 6.05 2.85 -15.61
C TYR A 92 7.04 4.01 -15.75
N ASP A 93 7.72 4.10 -16.89
CA ASP A 93 8.76 5.13 -17.08
C ASP A 93 8.33 6.51 -17.55
N GLY A 94 7.05 6.81 -17.49
CA GLY A 94 6.61 8.11 -17.94
C GLY A 94 5.84 7.96 -19.23
N SER A 95 6.00 6.85 -19.94
CA SER A 95 5.24 6.68 -21.17
C SER A 95 4.79 5.25 -21.39
N LYS A 96 5.51 4.28 -20.84
CA LYS A 96 5.10 2.88 -21.00
C LYS A 96 5.49 2.00 -19.83
N TRP A 97 4.88 0.83 -19.77
CA TRP A 97 5.13 -0.15 -18.73
C TRP A 97 6.19 -1.17 -19.17
N ILE A 98 7.21 -1.37 -18.34
CA ILE A 98 8.26 -2.35 -18.63
C ILE A 98 8.64 -3.03 -17.32
N THR A 99 9.69 -3.85 -17.35
CA THR A 99 10.12 -4.55 -16.15
C THR A 99 11.37 -3.89 -15.56
N GLY A 100 11.38 -3.75 -14.23
CA GLY A 100 12.51 -3.14 -13.56
C GLY A 100 13.64 -4.11 -13.33
N GLN A 101 14.74 -3.58 -12.80
CA GLN A 101 15.95 -4.35 -12.53
C GLN A 101 15.95 -5.16 -11.23
N LEU A 102 15.02 -4.87 -10.33
CA LEU A 102 15.02 -5.57 -9.05
C LEU A 102 14.90 -7.10 -9.14
N GLY A 103 14.14 -7.59 -10.11
CA GLY A 103 14.00 -9.03 -10.26
C GLY A 103 15.34 -9.73 -10.43
N SER A 104 16.22 -9.17 -11.26
CA SER A 104 17.52 -9.79 -11.50
C SER A 104 18.39 -9.88 -10.25
N VAL A 105 18.07 -9.12 -9.21
CA VAL A 105 18.86 -9.20 -7.98
C VAL A 105 18.61 -10.50 -7.24
N GLY A 106 17.50 -11.17 -7.57
CA GLY A 106 17.21 -12.44 -6.93
C GLY A 106 16.84 -12.45 -5.46
N VAL A 107 16.15 -11.41 -4.97
CA VAL A 107 15.74 -11.42 -3.57
C VAL A 107 14.56 -12.38 -3.36
N LYS A 108 14.71 -13.31 -2.42
CA LYS A 108 13.67 -14.30 -2.14
C LYS A 108 12.83 -13.90 -0.92
N VAL A 109 11.52 -13.92 -1.09
CA VAL A 109 10.58 -13.53 -0.05
C VAL A 109 9.85 -14.72 0.58
N GLY A 110 9.48 -14.62 1.85
CA GLY A 110 8.73 -15.69 2.48
C GLY A 110 7.41 -15.80 1.69
N SER A 111 6.89 -16.99 1.45
CA SER A 111 5.67 -17.11 0.64
C SER A 111 4.46 -16.33 1.17
N ASN A 112 4.34 -16.20 2.50
CA ASN A 112 3.21 -15.48 3.09
C ASN A 112 3.57 -14.02 3.45
N SER A 113 4.72 -13.55 2.98
CA SER A 113 5.12 -12.17 3.28
C SER A 113 4.24 -11.12 2.62
N LYS A 114 4.14 -9.95 3.22
CA LYS A 114 3.41 -8.83 2.62
C LYS A 114 4.52 -7.91 2.12
N LEU A 115 4.16 -6.83 1.44
CA LEU A 115 5.18 -5.88 0.96
C LEU A 115 4.73 -4.44 1.24
N ALA A 116 5.70 -3.56 1.42
CA ALA A 116 5.47 -2.13 1.63
C ALA A 116 6.63 -1.42 0.95
N ALA A 117 6.37 -0.22 0.45
CA ALA A 117 7.41 0.54 -0.20
C ALA A 117 7.16 2.02 0.06
N LEU A 118 8.24 2.80 0.07
CA LEU A 118 8.16 4.25 0.25
C LEU A 118 9.25 4.84 -0.64
N GLN A 119 9.06 6.11 -0.98
CA GLN A 119 9.97 6.83 -1.84
C GLN A 119 10.04 8.28 -1.30
N TRP A 120 11.17 8.95 -1.52
CA TRP A 120 11.32 10.35 -1.12
C TRP A 120 12.45 10.93 -1.94
N GLY A 121 12.33 12.21 -2.30
CA GLY A 121 13.39 12.87 -3.03
C GLY A 121 13.27 12.94 -4.54
N GLY A 122 12.54 12.03 -5.16
CA GLY A 122 12.41 12.03 -6.60
C GLY A 122 11.67 13.25 -7.15
N SER A 123 12.23 13.88 -8.17
CA SER A 123 11.63 15.04 -8.81
C SER A 123 12.23 15.18 -10.19
N GLU A 124 11.93 16.28 -10.87
CA GLU A 124 12.48 16.47 -12.20
C GLU A 124 13.99 16.70 -12.16
N SER A 125 14.48 17.20 -11.04
CA SER A 125 15.91 17.48 -10.89
C SER A 125 16.66 16.55 -9.94
N ALA A 126 15.96 15.62 -9.30
CA ALA A 126 16.64 14.73 -8.37
C ALA A 126 16.25 13.26 -8.52
N PRO A 127 17.18 12.35 -8.21
CA PRO A 127 16.93 10.91 -8.30
C PRO A 127 16.13 10.44 -7.08
N PRO A 128 15.27 9.43 -7.26
CA PRO A 128 14.43 8.89 -6.18
C PRO A 128 15.22 8.05 -5.20
N ASN A 129 14.70 7.94 -3.99
CA ASN A 129 15.28 7.11 -2.94
C ASN A 129 14.11 6.18 -2.64
N ILE A 130 14.28 4.90 -2.97
CA ILE A 130 13.22 3.92 -2.74
C ILE A 130 13.63 2.90 -1.69
N ARG A 131 12.70 2.52 -0.84
CA ARG A 131 12.95 1.48 0.17
C ARG A 131 11.77 0.50 0.02
N VAL A 132 12.08 -0.80 0.08
CA VAL A 132 11.06 -1.83 -0.03
C VAL A 132 11.19 -2.74 1.19
N TYR A 133 10.07 -3.06 1.82
CA TYR A 133 10.11 -3.90 3.02
C TYR A 133 9.39 -5.23 2.75
N TYR A 134 9.90 -6.29 3.37
CA TYR A 134 9.34 -7.62 3.16
C TYR A 134 9.91 -8.53 4.23
N GLN A 135 9.48 -9.77 4.25
CA GLN A 135 10.00 -10.74 5.22
C GLN A 135 10.55 -11.96 4.47
N LYS A 136 11.54 -12.61 5.07
CA LYS A 136 12.17 -13.78 4.48
C LYS A 136 11.50 -15.07 4.90
N SER A 137 10.98 -15.10 6.12
CA SER A 137 10.33 -16.31 6.57
C SER A 137 8.90 -16.03 7.03
N ASN A 138 8.12 -17.10 7.15
CA ASN A 138 6.73 -16.98 7.57
C ASN A 138 6.55 -17.21 9.07
N GLY A 139 7.62 -17.60 9.75
CA GLY A 139 7.51 -17.88 11.17
C GLY A 139 7.14 -16.75 12.11
N SER A 140 6.59 -17.11 13.27
CA SER A 140 6.23 -16.16 14.30
C SER A 140 7.53 -15.60 14.89
N GLY A 141 7.62 -14.28 15.03
CA GLY A 141 8.82 -13.69 15.57
C GLY A 141 9.79 -13.23 14.49
N SER A 142 9.46 -13.47 13.22
CA SER A 142 10.33 -13.07 12.12
C SER A 142 10.55 -11.56 12.12
N SER A 143 11.62 -11.12 11.47
CA SER A 143 11.87 -9.70 11.42
C SER A 143 11.50 -9.17 10.05
N ILE A 144 11.57 -7.85 9.90
CA ILE A 144 11.25 -7.20 8.64
C ILE A 144 12.59 -6.84 7.99
N HIS A 145 12.69 -7.00 6.67
CA HIS A 145 13.93 -6.70 5.96
C HIS A 145 13.69 -5.57 5.02
N GLU A 146 14.77 -4.95 4.58
CA GLU A 146 14.66 -3.81 3.70
C GLU A 146 15.62 -3.86 2.52
N TYR A 147 15.15 -3.41 1.37
CA TYR A 147 16.03 -3.34 0.24
C TYR A 147 16.00 -1.88 -0.15
N VAL A 148 17.18 -1.37 -0.50
CA VAL A 148 17.36 0.02 -0.82
C VAL A 148 17.78 0.33 -2.25
N TRP A 149 17.20 1.39 -2.79
CA TRP A 149 17.62 1.84 -4.11
C TRP A 149 18.05 3.31 -4.07
N SER A 150 19.34 3.52 -4.28
CA SER A 150 19.95 4.84 -4.37
C SER A 150 20.98 4.67 -5.45
N GLY A 151 20.53 4.65 -6.69
CA GLY A 151 21.43 4.45 -7.81
C GLY A 151 21.54 2.97 -8.15
N LYS A 152 21.43 2.11 -7.14
CA LYS A 152 21.52 0.67 -7.37
C LYS A 152 20.84 -0.06 -6.21
N TRP A 153 20.40 -1.29 -6.43
CA TRP A 153 19.74 -2.03 -5.36
C TRP A 153 20.75 -2.67 -4.42
N THR A 154 20.59 -2.46 -3.11
CA THR A 154 21.47 -3.08 -2.13
C THR A 154 20.65 -3.41 -0.91
N ALA A 155 21.07 -4.40 -0.14
CA ALA A 155 20.35 -4.78 1.04
C ALA A 155 20.40 -3.67 2.10
N GLY A 156 19.31 -3.51 2.85
CA GLY A 156 19.26 -2.49 3.89
C GLY A 156 19.26 -3.14 5.26
N ALA A 157 18.50 -2.61 6.20
CA ALA A 157 18.47 -3.21 7.54
C ALA A 157 17.44 -4.32 7.69
N SER A 158 17.35 -4.85 8.91
CA SER A 158 16.36 -5.85 9.26
C SER A 158 16.00 -5.50 10.70
N PHE A 159 14.72 -5.56 11.05
CA PHE A 159 14.33 -5.20 12.41
C PHE A 159 12.95 -5.73 12.85
N GLY A 160 12.71 -5.71 14.15
CA GLY A 160 11.43 -6.15 14.67
C GLY A 160 11.26 -7.63 14.87
N SER A 161 10.14 -7.96 15.50
CA SER A 161 9.76 -9.34 15.81
C SER A 161 8.26 -9.29 15.58
N THR A 162 7.79 -9.94 14.52
CA THR A 162 6.37 -9.86 14.17
C THR A 162 5.56 -11.15 14.18
N VAL A 163 4.26 -10.98 13.97
CA VAL A 163 3.36 -12.12 13.84
C VAL A 163 3.65 -12.61 12.41
N PRO A 164 3.39 -13.90 12.13
CA PRO A 164 3.61 -14.48 10.80
C PRO A 164 2.96 -13.66 9.69
N GLY A 165 3.71 -13.36 8.64
CA GLY A 165 3.14 -12.59 7.54
C GLY A 165 2.43 -11.30 7.92
N THR A 166 3.01 -10.54 8.87
CA THR A 166 2.39 -9.28 9.31
C THR A 166 2.10 -8.28 8.22
N GLY A 167 1.07 -7.48 8.43
CA GLY A 167 0.80 -6.42 7.47
C GLY A 167 1.93 -5.41 7.74
N ILE A 168 2.24 -4.60 6.75
CA ILE A 168 3.29 -3.61 6.90
C ILE A 168 2.88 -2.29 6.28
N GLY A 169 2.96 -1.22 7.08
CA GLY A 169 2.62 0.11 6.56
C GLY A 169 3.93 0.88 6.51
N ALA A 170 4.20 1.60 5.43
CA ALA A 170 5.48 2.34 5.36
C ALA A 170 5.27 3.75 4.83
N THR A 171 5.90 4.74 5.47
CA THR A 171 5.73 6.10 4.96
C THR A 171 6.94 7.02 5.25
N ALA A 172 7.25 7.90 4.30
CA ALA A 172 8.35 8.85 4.48
C ALA A 172 7.70 10.15 4.96
N ILE A 173 7.86 10.48 6.23
CA ILE A 173 7.23 11.69 6.78
C ILE A 173 8.01 12.96 6.45
N GLY A 174 9.25 12.78 6.01
CA GLY A 174 10.10 13.87 5.62
C GLY A 174 11.28 13.26 4.88
N PRO A 175 12.15 14.08 4.26
CA PRO A 175 13.32 13.58 3.53
C PRO A 175 14.18 12.79 4.50
N GLY A 176 14.37 11.51 4.21
CA GLY A 176 15.16 10.68 5.09
C GLY A 176 14.54 10.30 6.43
N ARG A 177 13.29 10.69 6.70
CA ARG A 177 12.63 10.31 7.97
C ARG A 177 11.55 9.30 7.61
N LEU A 178 11.74 8.07 8.08
CA LEU A 178 10.85 6.97 7.74
C LEU A 178 10.12 6.37 8.92
N ARG A 179 8.87 5.97 8.68
CA ARG A 179 8.05 5.33 9.71
C ARG A 179 7.49 4.01 9.17
N ILE A 180 7.72 2.93 9.91
CA ILE A 180 7.23 1.61 9.51
C ILE A 180 6.32 1.12 10.60
N TYR A 181 5.16 0.60 10.22
CA TYR A 181 4.18 0.07 11.17
C TYR A 181 3.89 -1.40 10.84
N TYR A 182 3.85 -2.22 11.87
CA TYR A 182 3.64 -3.65 11.71
C TYR A 182 3.04 -4.19 12.98
N GLN A 183 2.67 -5.48 12.97
CA GLN A 183 2.05 -6.09 14.16
C GLN A 183 3.04 -7.03 14.83
N ALA A 184 3.34 -6.74 16.09
CA ALA A 184 4.28 -7.53 16.87
C ALA A 184 3.66 -8.84 17.38
N THR A 185 4.51 -9.75 17.82
CA THR A 185 4.04 -11.03 18.28
C THR A 185 2.95 -10.97 19.36
N ASP A 186 2.81 -9.84 20.04
CA ASP A 186 1.77 -9.72 21.07
C ASP A 186 0.48 -9.14 20.48
N ASN A 187 0.46 -8.99 19.15
CA ASN A 187 -0.69 -8.46 18.41
C ASN A 187 -0.83 -6.96 18.45
N LYS A 188 0.11 -6.27 19.06
CA LYS A 188 0.02 -4.83 19.10
C LYS A 188 0.71 -4.26 17.89
N ILE A 189 0.13 -3.20 17.35
CA ILE A 189 0.72 -2.51 16.24
C ILE A 189 1.83 -1.67 16.85
N ARG A 190 3.04 -1.84 16.31
CA ARG A 190 4.25 -1.14 16.75
C ARG A 190 4.76 -0.25 15.62
N GLU A 191 5.67 0.66 15.98
CA GLU A 191 6.25 1.61 15.03
C GLU A 191 7.77 1.56 15.09
N HIS A 192 8.41 1.63 13.92
CA HIS A 192 9.87 1.66 13.88
C HIS A 192 10.23 2.94 13.18
N CYS A 193 11.27 3.60 13.68
CA CYS A 193 11.66 4.88 13.13
C CYS A 193 13.09 5.02 12.69
N TRP A 194 13.25 5.83 11.65
CA TRP A 194 14.54 6.16 11.12
C TRP A 194 14.50 7.66 10.89
N ASP A 195 15.25 8.40 11.70
CA ASP A 195 15.31 9.84 11.58
C ASP A 195 16.62 10.29 10.94
N SER A 196 17.68 9.51 11.12
CA SER A 196 18.98 9.85 10.51
C SER A 196 20.06 8.77 10.65
N ASN A 197 20.38 8.42 11.88
CA ASN A 197 21.43 7.44 12.17
C ASN A 197 21.03 5.98 12.12
N SER A 198 20.07 5.57 12.95
CA SER A 198 19.67 4.17 12.97
C SER A 198 18.18 3.98 13.20
N TRP A 199 17.75 2.71 13.17
CA TRP A 199 16.37 2.34 13.41
C TRP A 199 16.12 2.13 14.89
N TYR A 200 15.08 2.77 15.41
CA TYR A 200 14.76 2.59 16.82
C TYR A 200 13.24 2.47 16.96
N VAL A 201 12.82 1.84 18.04
CA VAL A 201 11.40 1.61 18.34
C VAL A 201 10.69 2.93 18.62
N GLY A 202 9.70 3.27 17.82
CA GLY A 202 8.96 4.50 18.03
C GLY A 202 8.03 4.38 19.23
N GLY A 203 7.41 5.49 19.61
CA GLY A 203 6.52 5.46 20.77
C GLY A 203 5.10 4.99 20.53
N PHE A 204 4.67 4.95 19.27
CA PHE A 204 3.32 4.53 18.99
C PHE A 204 3.07 3.04 19.25
N SER A 205 1.86 2.74 19.70
CA SER A 205 1.49 1.37 19.99
C SER A 205 -0.02 1.33 20.12
N ALA A 206 -0.63 0.22 19.73
CA ALA A 206 -2.09 0.07 19.81
C ALA A 206 -2.45 -1.40 19.68
N SER A 207 -3.46 -1.85 20.41
CA SER A 207 -3.90 -3.23 20.32
C SER A 207 -4.74 -3.39 19.07
N ALA A 208 -4.71 -4.58 18.49
CA ALA A 208 -5.51 -4.85 17.29
C ALA A 208 -5.72 -6.36 17.21
N SER A 209 -6.72 -6.79 16.44
CA SER A 209 -6.99 -8.22 16.28
C SER A 209 -5.79 -8.77 15.53
N ALA A 210 -5.51 -10.05 15.74
CA ALA A 210 -4.38 -10.67 15.06
C ALA A 210 -4.64 -10.68 13.55
N GLY A 211 -3.58 -10.46 12.78
CA GLY A 211 -3.70 -10.51 11.34
C GLY A 211 -4.34 -9.37 10.59
N VAL A 212 -4.34 -8.18 11.14
CA VAL A 212 -4.92 -7.06 10.45
C VAL A 212 -4.03 -6.67 9.27
N SER A 213 -4.63 -6.04 8.27
CA SER A 213 -3.91 -5.53 7.12
C SER A 213 -3.62 -4.08 7.58
N ILE A 214 -2.43 -3.58 7.28
CA ILE A 214 -2.02 -2.24 7.73
C ILE A 214 -1.57 -1.30 6.60
N ALA A 215 -1.93 -0.03 6.69
CA ALA A 215 -1.52 0.98 5.70
C ALA A 215 -1.16 2.25 6.47
N ALA A 216 -0.33 3.10 5.87
CA ALA A 216 0.08 4.34 6.50
C ALA A 216 0.34 5.42 5.47
N ILE A 217 -0.10 6.65 5.74
CA ILE A 217 0.13 7.78 4.84
C ILE A 217 0.60 8.95 5.72
N SER A 218 1.13 10.00 5.11
CA SER A 218 1.58 11.16 5.87
C SER A 218 1.65 12.37 4.97
N TRP A 219 1.68 13.55 5.58
CA TRP A 219 1.74 14.79 4.81
C TRP A 219 2.03 16.02 5.70
N GLY A 220 2.39 17.13 5.06
CA GLY A 220 2.64 18.37 5.77
C GLY A 220 3.90 18.57 6.57
N SER A 221 3.99 19.77 7.14
CA SER A 221 5.14 20.19 7.93
C SER A 221 5.18 19.69 9.35
N THR A 222 4.02 19.36 9.92
CA THR A 222 4.04 18.92 11.30
C THR A 222 4.98 17.78 11.68
N PRO A 223 4.92 16.63 10.97
CA PRO A 223 4.05 16.25 9.84
C PRO A 223 2.86 15.47 10.40
N ASN A 224 1.88 15.22 9.55
CA ASN A 224 0.70 14.46 9.97
C ASN A 224 0.82 13.03 9.45
N ILE A 225 0.45 12.08 10.29
CA ILE A 225 0.50 10.66 9.95
C ILE A 225 -0.83 10.00 10.25
N ARG A 226 -1.28 9.12 9.36
CA ARG A 226 -2.50 8.36 9.59
C ARG A 226 -2.12 6.87 9.41
N VAL A 227 -2.41 6.06 10.41
CA VAL A 227 -2.16 4.63 10.34
C VAL A 227 -3.52 3.91 10.33
N TYR A 228 -3.76 3.09 9.32
CA TYR A 228 -5.00 2.34 9.20
C TYR A 228 -4.79 0.85 9.34
N TRP A 229 -5.75 0.17 9.95
CA TRP A 229 -5.65 -1.27 10.03
C TRP A 229 -7.06 -1.80 10.02
N GLN A 230 -7.17 -3.03 9.53
CA GLN A 230 -8.46 -3.67 9.41
C GLN A 230 -8.34 -5.18 9.33
N LYS A 231 -9.23 -5.85 10.04
CA LYS A 231 -9.34 -7.30 10.01
C LYS A 231 -10.58 -7.42 9.13
N GLY A 232 -10.55 -8.33 8.15
CA GLY A 232 -11.69 -8.49 7.25
C GLY A 232 -12.97 -8.77 8.00
N ARG A 233 -14.08 -8.15 7.58
CA ARG A 233 -15.37 -8.31 8.24
C ARG A 233 -15.45 -7.62 9.61
N GLU A 234 -14.45 -6.78 9.90
CA GLU A 234 -14.45 -5.96 11.11
C GLU A 234 -14.44 -4.53 10.57
N GLU A 235 -14.47 -3.53 11.46
CA GLU A 235 -14.47 -2.16 10.96
C GLU A 235 -13.03 -1.62 10.86
N LEU A 236 -12.84 -0.65 9.99
CA LEU A 236 -11.56 -0.01 9.77
C LEU A 236 -11.15 0.92 10.93
N TYR A 237 -9.91 0.78 11.40
CA TYR A 237 -9.41 1.65 12.49
C TYR A 237 -8.40 2.68 11.98
N GLU A 238 -8.39 3.87 12.57
CA GLU A 238 -7.44 4.92 12.19
C GLU A 238 -6.78 5.54 13.42
N ALA A 239 -5.45 5.65 13.40
CA ALA A 239 -4.70 6.30 14.47
C ALA A 239 -4.17 7.56 13.79
N ALA A 240 -4.34 8.73 14.41
CA ALA A 240 -3.89 9.97 13.80
C ALA A 240 -2.86 10.74 14.62
N TYR A 241 -1.79 11.15 13.94
CA TYR A 241 -0.72 11.92 14.55
C TYR A 241 -0.75 13.31 13.92
N GLY A 242 -0.89 14.35 14.74
CA GLY A 242 -0.90 15.71 14.21
C GLY A 242 0.07 16.53 15.04
N GLY A 243 1.06 15.83 15.58
CA GLY A 243 2.07 16.43 16.43
C GLY A 243 2.22 15.45 17.57
N SER A 244 1.14 14.73 17.87
CA SER A 244 1.12 13.69 18.92
C SER A 244 0.01 12.71 18.52
N TRP A 245 -0.03 11.53 19.13
CA TRP A 245 -1.04 10.51 18.75
C TRP A 245 -2.36 10.55 19.50
N ASN A 246 -3.47 10.48 18.76
CA ASN A 246 -4.78 10.44 19.41
C ASN A 246 -5.07 8.97 19.79
N THR A 247 -6.32 8.69 20.13
CA THR A 247 -6.70 7.33 20.46
C THR A 247 -7.32 6.75 19.18
N PRO A 248 -6.85 5.58 18.75
CA PRO A 248 -7.38 4.95 17.52
C PRO A 248 -8.91 4.84 17.58
N GLY A 249 -9.57 5.17 16.49
CA GLY A 249 -11.01 5.08 16.46
C GLY A 249 -11.45 4.40 15.16
N GLN A 250 -12.71 4.00 15.11
CA GLN A 250 -13.24 3.33 13.94
C GLN A 250 -13.80 4.24 12.88
N ILE A 251 -13.65 3.86 11.62
CA ILE A 251 -14.19 4.62 10.51
C ILE A 251 -15.31 3.72 10.03
N LYS A 252 -16.55 4.13 10.23
CA LYS A 252 -17.67 3.32 9.82
C LYS A 252 -18.92 4.06 9.40
N ASP A 253 -19.82 3.30 8.82
CA ASP A 253 -21.09 3.82 8.36
C ASP A 253 -22.12 2.92 9.01
N ALA A 254 -23.00 3.52 9.82
CA ALA A 254 -24.03 2.75 10.54
C ALA A 254 -24.94 1.97 9.59
N SER A 255 -25.21 2.51 8.41
CA SER A 255 -26.05 1.83 7.45
C SER A 255 -25.35 0.71 6.66
N ARG A 256 -24.02 0.65 6.73
CA ARG A 256 -23.27 -0.41 6.05
C ARG A 256 -22.18 -0.96 6.97
N PRO A 257 -22.58 -1.75 7.97
CA PRO A 257 -21.65 -2.33 8.92
C PRO A 257 -20.65 -3.28 8.27
N THR A 258 -19.43 -3.31 8.82
CA THR A 258 -18.36 -4.18 8.37
C THR A 258 -18.49 -4.61 6.90
N PRO A 259 -18.39 -3.65 5.97
CA PRO A 259 -18.51 -3.92 4.54
C PRO A 259 -17.41 -4.77 3.88
N SER A 260 -16.32 -5.04 4.58
CA SER A 260 -15.27 -5.84 3.96
C SER A 260 -15.48 -7.34 4.18
N LEU A 261 -15.00 -8.17 3.26
CA LEU A 261 -15.12 -9.61 3.41
C LEU A 261 -14.01 -10.13 4.30
N PRO A 262 -14.21 -11.33 4.87
CA PRO A 262 -13.19 -11.93 5.74
C PRO A 262 -11.85 -12.13 5.01
N ASP A 263 -10.75 -12.02 5.74
CA ASP A 263 -9.41 -12.29 5.20
C ASP A 263 -8.91 -11.43 4.03
N THR A 264 -9.49 -10.25 3.85
CA THR A 264 -9.11 -9.39 2.78
C THR A 264 -8.07 -8.35 3.26
N PHE A 265 -7.60 -7.49 2.37
CA PHE A 265 -6.58 -6.53 2.68
C PHE A 265 -7.00 -5.14 2.29
N ILE A 266 -6.22 -4.14 2.72
CA ILE A 266 -6.53 -2.75 2.38
C ILE A 266 -5.30 -2.07 1.83
N ALA A 267 -5.49 -0.86 1.30
CA ALA A 267 -4.42 -0.02 0.78
C ALA A 267 -4.92 1.40 0.97
N ALA A 268 -4.00 2.35 1.02
CA ALA A 268 -4.37 3.75 1.20
C ALA A 268 -3.44 4.65 0.39
N ASN A 269 -3.97 5.76 -0.08
CA ASN A 269 -3.15 6.73 -0.78
C ASN A 269 -3.54 8.12 -0.26
N SER A 270 -2.76 9.11 -0.65
CA SER A 270 -3.03 10.48 -0.24
C SER A 270 -2.26 11.40 -1.15
N SER A 271 -2.70 12.65 -1.18
CA SER A 271 -2.07 13.68 -1.98
C SER A 271 -2.73 15.02 -1.65
N GLY A 272 -2.11 16.09 -2.12
CA GLY A 272 -2.64 17.42 -1.87
C GLY A 272 -2.56 17.74 -0.40
N ASN A 273 -3.56 18.46 0.09
CA ASN A 273 -3.58 18.83 1.50
C ASN A 273 -4.99 19.08 1.99
N ILE A 274 -5.73 18.02 2.30
CA ILE A 274 -5.26 16.66 2.16
C ILE A 274 -6.39 15.76 1.64
N ASP A 275 -6.06 14.88 0.70
CA ASP A 275 -7.02 13.93 0.16
C ASP A 275 -6.54 12.54 0.57
N ILE A 276 -7.46 11.71 1.03
CA ILE A 276 -7.15 10.36 1.46
C ILE A 276 -8.21 9.34 1.00
N SER A 277 -7.74 8.17 0.55
CA SER A 277 -8.61 7.07 0.15
C SER A 277 -8.07 5.80 0.79
N VAL A 278 -8.98 4.93 1.23
CA VAL A 278 -8.62 3.66 1.83
C VAL A 278 -9.46 2.64 1.05
N PHE A 279 -8.77 1.69 0.41
CA PHE A 279 -9.43 0.67 -0.41
C PHE A 279 -9.61 -0.65 0.32
N PHE A 280 -10.73 -1.30 0.04
CA PHE A 280 -10.98 -2.60 0.65
C PHE A 280 -11.73 -3.49 -0.33
N GLN A 281 -11.82 -4.78 -0.01
CA GLN A 281 -12.51 -5.72 -0.88
C GLN A 281 -13.84 -6.13 -0.22
N ALA A 282 -14.92 -5.89 -0.94
CA ALA A 282 -16.25 -6.20 -0.45
C ALA A 282 -16.96 -7.24 -1.31
N SER A 283 -18.17 -7.57 -0.90
CA SER A 283 -19.01 -8.53 -1.60
C SER A 283 -19.15 -8.07 -3.04
N GLY A 284 -19.14 -9.01 -3.98
CA GLY A 284 -19.25 -8.60 -5.37
C GLY A 284 -18.65 -9.55 -6.39
N VAL A 285 -17.35 -9.87 -6.31
CA VAL A 285 -16.40 -9.35 -5.33
C VAL A 285 -16.00 -7.97 -5.88
N SER A 286 -16.18 -6.92 -5.08
CA SER A 286 -15.88 -5.57 -5.56
C SER A 286 -14.74 -4.87 -4.85
N LEU A 287 -14.19 -3.87 -5.52
CA LEU A 287 -13.11 -3.07 -4.97
C LEU A 287 -13.75 -1.75 -4.56
N GLN A 288 -13.76 -1.48 -3.27
CA GLN A 288 -14.40 -0.26 -2.78
C GLN A 288 -13.39 0.63 -2.08
N GLN A 289 -13.82 1.86 -1.82
CA GLN A 289 -12.97 2.80 -1.11
C GLN A 289 -13.74 3.73 -0.19
N TRP A 290 -13.09 4.03 0.93
CA TRP A 290 -13.59 4.97 1.89
C TRP A 290 -12.93 6.26 1.39
N GLN A 291 -13.64 7.38 1.41
CA GLN A 291 -13.01 8.62 1.01
C GLN A 291 -13.15 9.66 2.09
N TRP A 292 -12.11 10.47 2.22
CA TRP A 292 -12.11 11.50 3.24
C TRP A 292 -12.28 12.91 2.69
N ILE A 293 -13.11 13.68 3.37
CA ILE A 293 -13.34 15.08 3.02
C ILE A 293 -13.00 15.89 4.26
N SER A 294 -11.90 16.65 4.23
CA SER A 294 -11.50 17.46 5.38
C SER A 294 -12.69 18.27 5.87
N GLY A 295 -12.90 18.25 7.19
CA GLY A 295 -14.03 18.97 7.76
C GLY A 295 -15.27 18.12 7.81
N LYS A 296 -15.75 17.64 6.66
CA LYS A 296 -16.96 16.80 6.62
C LYS A 296 -16.73 15.42 7.24
N GLY A 297 -15.82 14.62 6.67
CA GLY A 297 -15.55 13.31 7.22
C GLY A 297 -15.44 12.16 6.24
N TRP A 298 -15.58 10.94 6.75
CA TRP A 298 -15.48 9.75 5.92
C TRP A 298 -16.77 9.20 5.34
N SER A 299 -16.71 8.72 4.11
CA SER A 299 -17.87 8.10 3.47
C SER A 299 -17.39 7.03 2.46
N ILE A 300 -18.22 6.04 2.18
CA ILE A 300 -17.85 5.03 1.20
C ILE A 300 -18.09 5.70 -0.14
N GLY A 301 -17.07 5.68 -1.01
CA GLY A 301 -17.20 6.33 -2.29
C GLY A 301 -17.55 5.46 -3.49
N ALA A 302 -17.10 5.90 -4.66
CA ALA A 302 -17.34 5.21 -5.94
C ALA A 302 -16.72 3.82 -5.96
N VAL A 303 -17.37 2.89 -6.68
CA VAL A 303 -16.87 1.52 -6.79
C VAL A 303 -15.87 1.42 -7.95
N VAL A 304 -14.74 0.77 -7.71
CA VAL A 304 -13.73 0.62 -8.75
C VAL A 304 -14.03 -0.62 -9.62
N PRO A 305 -14.19 -0.42 -10.94
CA PRO A 305 -14.47 -1.53 -11.86
C PRO A 305 -13.33 -2.56 -11.87
N THR A 306 -13.68 -3.84 -11.76
CA THR A 306 -12.70 -4.92 -11.75
C THR A 306 -13.04 -5.99 -12.79
N GLY A 307 -13.72 -5.59 -13.85
CA GLY A 307 -14.07 -6.54 -14.91
C GLY A 307 -15.29 -7.42 -14.70
N THR A 308 -15.71 -8.06 -15.77
CA THR A 308 -16.87 -8.95 -15.77
C THR A 308 -16.50 -10.19 -16.57
N PRO A 309 -16.62 -11.38 -15.96
CA PRO A 309 -16.27 -12.58 -16.72
C PRO A 309 -17.25 -12.86 -17.85
N ALA A 310 -16.77 -13.56 -18.88
CA ALA A 310 -17.59 -13.93 -20.03
C ALA A 310 -18.75 -14.78 -19.53
N GLY A 311 -19.92 -14.59 -20.12
CA GLY A 311 -21.09 -15.34 -19.71
C GLY A 311 -21.94 -14.60 -18.71
N TRP A 312 -21.50 -13.40 -18.33
CA TRP A 312 -22.22 -12.59 -17.37
C TRP A 312 -22.47 -11.16 -17.83
C1 FUL B . 14.74 1.86 -12.94
C2 FUL B . 14.41 0.44 -12.38
O2 FUL B . 14.82 -0.57 -13.31
C3 FUL B . 15.15 0.29 -11.03
O3 FUL B . 14.95 -1.01 -10.47
C4 FUL B . 14.64 1.42 -10.05
O4 FUL B . 13.23 1.29 -9.85
C5 FUL B . 14.94 2.80 -10.72
C6 FUL B . 14.43 3.99 -9.91
O5 FUL B . 14.31 2.89 -12.01
O1 FUL B . 14.07 2.07 -14.13
C1 FUL C . -1.93 6.77 -17.67
C2 FUL C . -2.18 5.25 -17.50
O2 FUL C . -2.82 4.72 -18.65
C3 FUL C . -0.83 4.56 -17.27
O3 FUL C . -1.02 3.15 -17.12
C4 FUL C . -0.14 5.18 -16.02
O4 FUL C . -0.92 4.92 -14.86
C5 FUL C . 0.01 6.72 -16.22
C6 FUL C . 0.57 7.44 -15.01
O5 FUL C . -1.27 7.32 -16.50
O1 FUL C . -3.14 7.44 -17.85
S SO4 D . 14.43 -13.58 9.90
O1 SO4 D . 13.27 -12.67 9.92
O2 SO4 D . 14.23 -14.61 8.86
O3 SO4 D . 15.66 -12.83 9.59
O4 SO4 D . 14.56 -14.23 11.22
CL CL E . 1.15 15.36 -4.08
HG HG F . 5.47 -9.47 -10.09
CL CL G . 6.73 -11.32 -10.93
HG HG H . 9.78 7.98 16.14
#